data_5GUS
#
_entry.id   5GUS
#
_cell.length_a   51.999
_cell.length_b   51.999
_cell.length_c   207.372
_cell.angle_alpha   90.00
_cell.angle_beta   90.00
_cell.angle_gamma   120.00
#
_symmetry.space_group_name_H-M   'P 31 2 1'
#
loop_
_entity.id
_entity.type
_entity.pdbx_description
1 polymer 'Helix-turn-helix domain-containing protein'
2 non-polymer 3,6,9,12,15,18,21-HEPTAOXATRICOSANE-1,23-DIOL
3 non-polymer 'CHLORIDE ION'
4 non-polymer 'SULFATE ION'
5 water water
#
_entity_poly.entity_id   1
_entity_poly.type   'polypeptide(L)'
_entity_poly.pdbx_seq_one_letter_code
;MTDIPDRKEAVISLWPEFAKAIVSGKKTVEFRRRIPLPALSARIWIYATRPVKSVIGFAYLEAIVQGDVNTLWSRYGREA
FLSEQQYRDYFEGTEKATAFLLRDHQPIRPINLDQLKEIRANFQPPQSLTWLRKEETQKLVSLTSQVE
;
_entity_poly.pdbx_strand_id   A,B
#
loop_
_chem_comp.id
_chem_comp.type
_chem_comp.name
_chem_comp.formula
CL non-polymer 'CHLORIDE ION' 'Cl -1'
PE8 non-polymer 3,6,9,12,15,18,21-HEPTAOXATRICOSANE-1,23-DIOL 'C16 H34 O9'
SO4 non-polymer 'SULFATE ION' 'O4 S -2'
#
# COMPACT_ATOMS: atom_id res chain seq x y z
N ASP A 3 24.27 6.71 -3.84
CA ASP A 3 24.42 6.64 -2.38
C ASP A 3 23.18 6.04 -1.69
N ILE A 4 23.22 4.73 -1.46
CA ILE A 4 22.10 3.95 -0.95
C ILE A 4 21.81 4.08 0.55
N PRO A 5 20.53 4.32 0.89
CA PRO A 5 20.19 4.43 2.32
C PRO A 5 20.46 3.11 3.07
N ASP A 6 20.86 3.23 4.32
CA ASP A 6 21.18 2.05 5.12
C ASP A 6 19.96 1.30 5.66
N ARG A 7 18.79 1.89 5.51
CA ARG A 7 17.55 1.37 6.03
C ARG A 7 17.48 1.27 7.53
N LYS A 8 18.29 2.06 8.24
CA LYS A 8 18.17 2.12 9.69
C LYS A 8 17.10 3.14 10.13
N GLU A 9 16.53 3.86 9.17
CA GLU A 9 15.48 4.84 9.42
C GLU A 9 14.42 4.63 8.34
N ALA A 10 13.17 4.32 8.72
CA ALA A 10 12.18 4.08 7.68
C ALA A 10 10.86 4.64 8.14
N VAL A 11 9.93 4.82 7.21
CA VAL A 11 8.59 5.30 7.55
C VAL A 11 7.64 4.21 7.06
N ILE A 12 6.59 3.97 7.84
CA ILE A 12 5.53 3.00 7.49
C ILE A 12 4.21 3.75 7.64
N SER A 13 3.16 3.32 6.87
CA SER A 13 1.82 3.93 6.92
C SER A 13 0.85 2.98 7.61
N LEU A 14 0.07 3.50 8.54
CA LEU A 14 -1.02 2.72 9.15
C LEU A 14 -2.26 3.56 9.24
N TRP A 15 -3.43 2.92 9.26
CA TRP A 15 -4.66 3.69 9.57
C TRP A 15 -4.57 4.23 11.00
N PRO A 16 -5.23 5.39 11.27
CA PRO A 16 -4.95 6.05 12.56
C PRO A 16 -5.22 5.24 13.83
N GLU A 17 -6.25 4.37 13.91
CA GLU A 17 -6.43 3.57 15.16
C GLU A 17 -5.22 2.64 15.44
N PHE A 18 -4.69 2.06 14.37
CA PHE A 18 -3.52 1.16 14.49
C PHE A 18 -2.22 1.95 14.68
N ALA A 19 -2.08 3.09 13.98
CA ALA A 19 -0.90 3.93 14.20
C ALA A 19 -0.82 4.37 15.68
N LYS A 20 -1.97 4.79 16.22
CA LYS A 20 -2.00 5.20 17.65
C LYS A 20 -1.73 4.05 18.60
N ALA A 21 -2.20 2.86 18.25
CA ALA A 21 -1.89 1.72 19.10
C ALA A 21 -0.39 1.40 19.10
N ILE A 22 0.30 1.62 17.99
CA ILE A 22 1.74 1.34 18.06
C ILE A 22 2.44 2.38 18.89
N VAL A 23 2.15 3.65 18.64
CA VAL A 23 2.89 4.67 19.39
C VAL A 23 2.54 4.70 20.87
N SER A 24 1.36 4.22 21.26
CA SER A 24 1.03 4.13 22.70
C SER A 24 1.60 2.85 23.37
N GLY A 25 2.15 1.94 22.59
CA GLY A 25 2.72 0.71 23.15
C GLY A 25 1.68 -0.39 23.32
N LYS A 26 0.45 -0.12 22.92
CA LYS A 26 -0.56 -1.17 22.95
C LYS A 26 -0.41 -2.26 21.85
N LYS A 27 0.02 -1.85 20.67
CA LYS A 27 0.23 -2.76 19.55
C LYS A 27 1.75 -2.94 19.42
N THR A 28 2.30 -4.15 19.62
CA THR A 28 3.76 -4.29 19.56
C THR A 28 4.22 -5.20 18.40
N VAL A 29 3.26 -5.60 17.56
CA VAL A 29 3.54 -6.41 16.39
C VAL A 29 2.79 -5.80 15.20
N GLU A 30 3.48 -5.61 14.08
CA GLU A 30 2.80 -5.16 12.86
C GLU A 30 3.05 -6.24 11.80
N PHE A 31 1.98 -6.79 11.22
CA PHE A 31 2.14 -7.82 10.16
C PHE A 31 2.20 -7.19 8.74
N ARG A 32 3.00 -7.73 7.82
CA ARG A 32 2.98 -7.35 6.41
C ARG A 32 3.24 -8.62 5.56
N ARG A 33 3.07 -8.52 4.24
CA ARG A 33 3.48 -9.61 3.36
C ARG A 33 5.00 -9.68 3.28
N ARG A 34 5.55 -10.51 2.41
CA ARG A 34 7.01 -10.57 2.25
C ARG A 34 7.42 -9.37 1.43
N ILE A 35 7.80 -8.30 2.12
CA ILE A 35 8.16 -7.00 1.54
C ILE A 35 9.66 -6.77 1.67
N PRO A 36 10.20 -5.79 0.94
CA PRO A 36 11.61 -5.49 1.22
C PRO A 36 11.79 -5.07 2.69
N LEU A 37 12.85 -5.55 3.34
CA LEU A 37 12.93 -5.40 4.79
C LEU A 37 13.85 -4.24 5.19
N PRO A 38 13.56 -3.61 6.33
CA PRO A 38 14.46 -2.61 6.91
C PRO A 38 15.62 -3.34 7.63
N ALA A 39 16.60 -2.57 8.07
CA ALA A 39 17.68 -3.09 8.90
C ALA A 39 17.09 -3.54 10.23
N LEU A 40 17.71 -4.53 10.87
CA LEU A 40 17.22 -5.06 12.15
C LEU A 40 17.24 -4.02 13.27
N SER A 41 18.14 -3.05 13.19
CA SER A 41 18.16 -2.05 14.24
C SER A 41 17.39 -0.78 13.91
N ALA A 42 16.55 -0.82 12.87
CA ALA A 42 15.92 0.40 12.37
C ALA A 42 14.95 1.08 13.34
N ARG A 43 14.91 2.40 13.27
CA ARG A 43 13.80 3.15 13.85
C ARG A 43 12.70 3.26 12.73
N ILE A 44 11.46 2.98 13.08
CA ILE A 44 10.35 2.97 12.14
C ILE A 44 9.44 4.11 12.58
N TRP A 45 9.34 5.13 11.76
CA TRP A 45 8.50 6.28 12.06
C TRP A 45 7.09 5.94 11.56
N ILE A 46 6.08 6.30 12.36
CA ILE A 46 4.72 5.79 12.12
C ILE A 46 3.92 6.93 11.51
N TYR A 47 3.61 6.81 10.24
CA TYR A 47 2.76 7.78 9.56
C TYR A 47 1.31 7.32 9.65
N ALA A 48 0.46 8.14 10.29
CA ALA A 48 -1.00 7.88 10.36
C ALA A 48 -1.72 8.51 9.15
N THR A 49 -2.51 7.73 8.42
CA THR A 49 -3.24 8.17 7.21
C THR A 49 -4.48 9.00 7.60
N ARG A 50 -5.37 9.30 6.64
CA ARG A 50 -6.44 10.24 6.91
C ARG A 50 -7.35 9.70 8.02
N PRO A 51 -7.91 10.59 8.86
CA PRO A 51 -7.82 12.06 8.74
C PRO A 51 -6.58 12.65 9.37
N VAL A 52 -5.69 11.84 9.97
CA VAL A 52 -4.57 12.40 10.73
C VAL A 52 -3.47 12.93 9.80
N LYS A 53 -3.09 12.11 8.81
CA LYS A 53 -2.13 12.50 7.78
C LYS A 53 -0.87 13.10 8.40
N SER A 54 -0.26 12.40 9.35
CA SER A 54 0.90 12.94 10.13
C SER A 54 1.75 11.78 10.63
N VAL A 55 3.07 12.03 10.74
CA VAL A 55 3.90 11.16 11.56
C VAL A 55 3.63 11.45 13.05
N ILE A 56 3.22 10.45 13.81
CA ILE A 56 2.78 10.66 15.19
C ILE A 56 3.71 10.03 16.22
N GLY A 57 4.78 9.41 15.77
CA GLY A 57 5.74 8.87 16.74
C GLY A 57 6.62 7.85 16.02
N PHE A 58 7.37 7.08 16.80
CA PHE A 58 8.22 6.03 16.21
C PHE A 58 8.38 4.87 17.16
N ALA A 59 8.95 3.77 16.65
CA ALA A 59 9.35 2.69 17.51
C ALA A 59 10.58 2.00 16.90
N TYR A 60 11.19 1.08 17.63
CA TYR A 60 12.30 0.30 17.10
C TYR A 60 11.93 -1.15 16.92
N LEU A 61 12.74 -1.87 16.16
CA LEU A 61 12.51 -3.31 15.96
C LEU A 61 13.32 -4.11 16.97
N GLU A 62 12.65 -4.95 17.75
CA GLU A 62 13.41 -5.96 18.42
C GLU A 62 13.63 -7.23 17.60
N ALA A 63 12.83 -7.46 16.56
CA ALA A 63 13.00 -8.65 15.75
C ALA A 63 12.17 -8.53 14.49
N ILE A 64 12.61 -9.22 13.45
CA ILE A 64 11.74 -9.41 12.27
C ILE A 64 11.56 -10.90 12.14
N VAL A 65 10.31 -11.36 12.01
CA VAL A 65 10.01 -12.76 11.85
C VAL A 65 9.35 -12.97 10.48
N GLN A 66 9.73 -14.02 9.76
CA GLN A 66 8.96 -14.41 8.56
C GLN A 66 8.67 -15.89 8.65
N GLY A 67 7.48 -16.31 8.22
CA GLY A 67 7.15 -17.71 8.32
C GLY A 67 5.70 -17.96 7.95
N ASP A 68 5.22 -19.16 8.30
CA ASP A 68 3.85 -19.57 7.90
C ASP A 68 2.79 -18.65 8.48
N VAL A 69 1.80 -18.33 7.68
CA VAL A 69 0.73 -17.41 8.14
C VAL A 69 0.02 -17.89 9.43
N ASN A 70 -0.28 -19.19 9.53
CA ASN A 70 -0.91 -19.70 10.76
C ASN A 70 -0.04 -19.63 11.99
N THR A 71 1.23 -20.01 11.82
CA THR A 71 2.12 -19.91 12.99
C THR A 71 2.37 -18.45 13.44
N LEU A 72 2.43 -17.54 12.49
CA LEU A 72 2.61 -16.13 12.89
C LEU A 72 1.38 -15.62 13.63
N TRP A 73 0.20 -16.06 13.18
CA TRP A 73 -0.98 -15.63 13.94
C TRP A 73 -0.98 -16.22 15.38
N SER A 74 -0.69 -17.51 15.49
CA SER A 74 -0.75 -18.16 16.82
C SER A 74 0.26 -17.57 17.77
N ARG A 75 1.44 -17.26 17.27
CA ARG A 75 2.44 -16.76 18.19
C ARG A 75 2.36 -15.30 18.48
N TYR A 76 1.98 -14.47 17.50
CA TYR A 76 2.13 -13.04 17.72
C TYR A 76 0.83 -12.27 17.59
N GLY A 77 -0.25 -12.93 17.21
CA GLY A 77 -1.50 -12.22 16.89
C GLY A 77 -2.04 -11.45 18.09
N ARG A 78 -1.84 -11.97 19.28
CA ARG A 78 -2.33 -11.29 20.47
C ARG A 78 -1.72 -9.89 20.69
N GLU A 79 -0.49 -9.68 20.22
CA GLU A 79 0.23 -8.39 20.37
C GLU A 79 -0.04 -7.45 19.20
N ALA A 80 -0.80 -7.91 18.19
CA ALA A 80 -0.96 -7.16 16.96
C ALA A 80 -2.20 -6.22 16.88
N PHE A 81 -3.08 -6.27 17.87
CA PHE A 81 -4.26 -5.39 17.90
C PHE A 81 -5.16 -5.52 16.66
N LEU A 82 -5.38 -6.71 16.14
CA LEU A 82 -6.31 -6.82 14.99
C LEU A 82 -7.03 -8.12 15.14
N SER A 83 -8.20 -8.22 14.54
CA SER A 83 -9.00 -9.42 14.73
C SER A 83 -8.40 -10.49 13.84
N GLU A 84 -8.67 -11.72 14.21
CA GLU A 84 -8.20 -12.83 13.44
C GLU A 84 -8.83 -12.73 12.07
N GLN A 85 -10.04 -12.16 12.00
CA GLN A 85 -10.68 -12.03 10.69
C GLN A 85 -9.98 -11.04 9.74
N GLN A 86 -9.58 -9.89 10.28
CA GLN A 86 -8.84 -8.91 9.51
C GLN A 86 -7.51 -9.52 9.05
N TYR A 87 -6.93 -10.34 9.91
CA TYR A 87 -5.65 -10.96 9.58
C TYR A 87 -5.77 -12.00 8.44
N ARG A 88 -6.76 -12.90 8.57
CA ARG A 88 -7.00 -13.89 7.53
C ARG A 88 -7.37 -13.22 6.21
N ASP A 89 -8.15 -12.16 6.25
CA ASP A 89 -8.48 -11.45 5.00
C ASP A 89 -7.28 -10.79 4.34
N TYR A 90 -6.43 -10.16 5.13
CA TYR A 90 -5.25 -9.54 4.57
C TYR A 90 -4.30 -10.57 3.95
N PHE A 91 -4.18 -11.74 4.58
CA PHE A 91 -3.22 -12.76 4.07
C PHE A 91 -3.79 -13.78 3.09
N GLU A 92 -5.06 -13.62 2.73
CA GLU A 92 -5.61 -14.52 1.72
C GLU A 92 -4.72 -14.38 0.48
N GLY A 93 -4.43 -15.50 -0.18
CA GLY A 93 -3.60 -15.48 -1.38
C GLY A 93 -2.10 -15.62 -1.18
N THR A 94 -1.64 -15.76 0.06
CA THR A 94 -0.21 -16.07 0.30
C THR A 94 -0.07 -17.01 1.49
N GLU A 95 1.06 -17.72 1.54
CA GLU A 95 1.31 -18.70 2.61
C GLU A 95 2.28 -18.19 3.66
N LYS A 96 2.87 -17.02 3.44
CA LYS A 96 3.93 -16.56 4.36
C LYS A 96 3.69 -15.10 4.74
N ALA A 97 4.14 -14.73 5.93
CA ALA A 97 3.92 -13.38 6.39
C ALA A 97 5.19 -12.92 7.08
N THR A 98 5.28 -11.61 7.28
CA THR A 98 6.31 -10.91 8.06
C THR A 98 5.68 -10.36 9.31
N ALA A 99 6.37 -10.54 10.44
CA ALA A 99 5.95 -9.96 11.70
C ALA A 99 7.06 -9.04 12.14
N PHE A 100 6.73 -7.76 12.22
CA PHE A 100 7.64 -6.74 12.82
C PHE A 100 7.37 -6.63 14.34
N LEU A 101 8.30 -7.12 15.14
CA LEU A 101 8.17 -7.02 16.61
C LEU A 101 8.82 -5.73 17.10
N LEU A 102 8.02 -4.85 17.70
CA LEU A 102 8.44 -3.50 18.04
C LEU A 102 8.78 -3.31 19.54
N ARG A 103 9.63 -2.33 19.86
CA ARG A 103 9.91 -1.99 21.23
C ARG A 103 10.17 -0.49 21.29
N ASP A 104 10.14 0.03 22.52
CA ASP A 104 10.61 1.40 22.78
C ASP A 104 9.87 2.43 21.94
N HIS A 105 8.55 2.28 21.91
CA HIS A 105 7.68 3.26 21.25
C HIS A 105 7.79 4.66 21.88
N GLN A 106 7.67 5.69 21.04
CA GLN A 106 7.73 7.08 21.48
C GLN A 106 6.71 7.91 20.69
N PRO A 107 5.63 8.41 21.36
CA PRO A 107 4.77 9.41 20.71
C PRO A 107 5.50 10.70 20.49
N ILE A 108 5.23 11.41 19.41
CA ILE A 108 5.77 12.77 19.24
C ILE A 108 4.62 13.74 18.90
N ARG A 109 4.86 15.05 19.01
CA ARG A 109 3.86 15.97 18.50
C ARG A 109 3.81 15.76 17.00
N PRO A 110 2.59 15.66 16.42
CA PRO A 110 2.51 15.20 15.04
C PRO A 110 3.20 16.10 14.03
N ILE A 111 3.82 15.47 13.04
CA ILE A 111 4.54 16.22 12.04
C ILE A 111 3.65 16.01 10.83
N ASN A 112 3.01 17.08 10.40
CA ASN A 112 1.98 16.96 9.39
C ASN A 112 2.55 16.85 7.96
N LEU A 113 1.70 16.55 7.01
CA LEU A 113 2.17 16.27 5.66
C LEU A 113 2.84 17.45 4.97
N ASP A 114 2.41 18.68 5.30
CA ASP A 114 3.06 19.88 4.77
C ASP A 114 4.52 19.96 5.25
N GLN A 115 4.75 19.71 6.53
CA GLN A 115 6.15 19.64 7.01
C GLN A 115 7.00 18.51 6.40
N LEU A 116 6.35 17.34 6.19
CA LEU A 116 7.03 16.24 5.58
C LEU A 116 7.42 16.56 4.15
N LYS A 117 6.56 17.28 3.42
CA LYS A 117 6.90 17.67 2.05
C LYS A 117 7.97 18.71 2.06
N GLU A 118 8.10 19.44 3.17
CA GLU A 118 9.28 20.29 3.24
C GLU A 118 10.55 19.44 3.39
N ILE A 119 10.44 18.26 3.96
CA ILE A 119 11.65 17.41 4.05
C ILE A 119 11.96 16.60 2.77
N ARG A 120 10.93 16.03 2.14
CA ARG A 120 11.05 15.34 0.88
C ARG A 120 9.90 15.79 -0.01
N ALA A 121 10.23 16.46 -1.11
CA ALA A 121 9.25 17.20 -1.89
C ALA A 121 8.14 16.30 -2.40
N ASN A 122 8.43 15.08 -2.79
CA ASN A 122 7.24 14.37 -3.23
C ASN A 122 6.78 13.30 -2.27
N PHE A 123 6.93 13.57 -0.97
CA PHE A 123 6.65 12.53 -0.02
C PHE A 123 5.22 12.11 -0.22
N GLN A 124 5.02 10.81 -0.28
CA GLN A 124 3.67 10.35 -0.03
C GLN A 124 3.65 9.09 0.78
N PRO A 125 2.52 8.82 1.47
CA PRO A 125 2.61 7.71 2.41
C PRO A 125 2.99 6.41 1.71
N PRO A 126 3.95 5.68 2.29
CA PRO A 126 4.44 4.44 1.66
C PRO A 126 3.42 3.33 1.56
N GLN A 127 3.45 2.58 0.48
CA GLN A 127 2.64 1.37 0.45
C GLN A 127 3.21 0.29 1.40
N SER A 128 4.53 0.25 1.54
CA SER A 128 5.15 -0.66 2.50
CA SER A 128 5.16 -0.65 2.49
C SER A 128 6.08 0.17 3.37
N LEU A 129 7.38 0.06 3.17
CA LEU A 129 8.31 0.99 3.82
C LEU A 129 8.97 1.95 2.84
N THR A 130 9.30 3.14 3.32
CA THR A 130 10.22 3.96 2.57
C THR A 130 11.46 4.30 3.47
N TRP A 131 12.67 4.24 2.87
CA TRP A 131 13.91 4.50 3.62
C TRP A 131 14.19 6.00 3.63
N LEU A 132 14.55 6.53 4.79
CA LEU A 132 14.95 7.94 4.90
C LEU A 132 16.43 8.07 4.66
N ARG A 133 16.81 9.06 3.87
CA ARG A 133 18.20 9.45 3.67
C ARG A 133 18.66 10.19 4.89
N LYS A 134 19.98 10.25 5.09
CA LYS A 134 20.47 10.83 6.33
C LYS A 134 20.07 12.32 6.53
N GLU A 135 20.06 13.11 5.46
CA GLU A 135 19.64 14.54 5.57
C GLU A 135 18.14 14.68 5.90
N GLU A 136 17.35 13.72 5.37
CA GLU A 136 15.90 13.66 5.69
C GLU A 136 15.70 13.31 7.17
N THR A 137 16.46 12.33 7.64
CA THR A 137 16.41 11.96 9.04
C THR A 137 16.83 13.13 9.95
N GLN A 138 17.87 13.87 9.58
CA GLN A 138 18.29 14.99 10.43
C GLN A 138 17.13 16.02 10.53
N LYS A 139 16.48 16.30 9.40
CA LYS A 139 15.35 17.25 9.46
C LYS A 139 14.16 16.72 10.24
N LEU A 140 13.83 15.43 10.11
CA LEU A 140 12.74 14.91 10.91
C LEU A 140 13.04 14.90 12.43
N VAL A 141 14.26 14.53 12.83
CA VAL A 141 14.61 14.54 14.24
C VAL A 141 14.57 15.96 14.76
N SER A 142 14.95 16.92 13.91
CA SER A 142 14.86 18.32 14.36
C SER A 142 13.43 18.78 14.67
N LEU A 143 12.44 18.21 14.01
CA LEU A 143 11.05 18.55 14.26
C LEU A 143 10.41 17.80 15.42
N THR A 144 11.08 16.80 15.98
CA THR A 144 10.46 16.00 17.04
C THR A 144 10.33 16.65 18.44
N SER A 145 9.17 16.42 19.09
CA SER A 145 8.97 16.84 20.49
C SER A 145 8.21 15.71 21.18
N ILE B 4 -21.49 -10.17 1.11
CA ILE B 4 -20.07 -10.25 0.74
C ILE B 4 -19.83 -9.84 -0.71
N PRO B 5 -18.93 -8.86 -0.95
CA PRO B 5 -18.74 -8.39 -2.34
C PRO B 5 -18.19 -9.49 -3.26
N ASP B 6 -18.63 -9.48 -4.51
CA ASP B 6 -18.24 -10.53 -5.45
C ASP B 6 -16.87 -10.29 -6.06
N ARG B 7 -16.28 -9.11 -5.80
CA ARG B 7 -15.00 -8.68 -6.33
C ARG B 7 -14.96 -8.51 -7.86
N LYS B 8 -16.10 -8.27 -8.48
CA LYS B 8 -16.07 -7.95 -9.86
C LYS B 8 -15.90 -6.43 -10.07
N GLU B 9 -15.85 -5.69 -8.98
CA GLU B 9 -15.65 -4.24 -9.04
C GLU B 9 -14.64 -3.93 -7.94
N ALA B 10 -13.52 -3.29 -8.27
CA ALA B 10 -12.49 -3.06 -7.26
C ALA B 10 -11.75 -1.76 -7.54
N VAL B 11 -11.15 -1.17 -6.51
CA VAL B 11 -10.32 0.03 -6.65
C VAL B 11 -8.88 -0.33 -6.29
N ILE B 12 -7.96 0.21 -7.06
CA ILE B 12 -6.52 0.01 -6.77
C ILE B 12 -5.87 1.39 -6.74
N SER B 13 -4.75 1.58 -5.99
CA SER B 13 -4.04 2.90 -5.92
C SER B 13 -2.73 2.86 -6.66
N LEU B 14 -2.44 3.88 -7.45
CA LEU B 14 -1.12 3.98 -8.13
C LEU B 14 -0.63 5.41 -8.03
N TRP B 15 0.68 5.62 -8.10
CA TRP B 15 1.18 7.00 -8.20
C TRP B 15 0.65 7.59 -9.53
N PRO B 16 0.47 8.92 -9.60
CA PRO B 16 -0.20 9.50 -10.76
C PRO B 16 0.42 9.20 -12.13
N GLU B 17 1.73 9.13 -12.29
CA GLU B 17 2.29 8.87 -13.63
C GLU B 17 1.84 7.47 -14.11
N PHE B 18 1.88 6.50 -13.18
CA PHE B 18 1.47 5.13 -13.54
C PHE B 18 -0.04 4.98 -13.70
N ALA B 19 -0.80 5.67 -12.85
CA ALA B 19 -2.26 5.64 -13.00
C ALA B 19 -2.66 6.19 -14.35
N LYS B 20 -2.03 7.30 -14.72
CA LYS B 20 -2.35 7.92 -16.02
C LYS B 20 -1.95 7.02 -17.18
N ALA B 21 -0.83 6.32 -17.01
CA ALA B 21 -0.42 5.39 -18.05
C ALA B 21 -1.39 4.22 -18.19
N ILE B 22 -2.00 3.78 -17.07
CA ILE B 22 -3.01 2.71 -17.24
C ILE B 22 -4.24 3.22 -17.99
N VAL B 23 -4.73 4.38 -17.56
CA VAL B 23 -5.98 4.83 -18.24
C VAL B 23 -5.79 5.32 -19.68
N SER B 24 -4.57 5.70 -20.05
CA SER B 24 -4.28 6.03 -21.45
C SER B 24 -4.02 4.78 -22.31
N GLY B 25 -3.86 3.63 -21.69
CA GLY B 25 -3.52 2.43 -22.42
C GLY B 25 -2.03 2.20 -22.70
N LYS B 26 -1.15 3.12 -22.28
CA LYS B 26 0.28 2.86 -22.41
C LYS B 26 0.75 1.73 -21.50
N LYS B 27 0.13 1.59 -20.33
CA LYS B 27 0.57 0.59 -19.36
C LYS B 27 -0.55 -0.43 -19.24
N THR B 28 -0.28 -1.66 -19.67
CA THR B 28 -1.32 -2.67 -19.75
C THR B 28 -1.11 -3.83 -18.74
N VAL B 29 -0.05 -3.75 -17.95
CA VAL B 29 0.18 -4.73 -16.90
C VAL B 29 0.47 -3.98 -15.63
N GLU B 30 -0.07 -4.44 -14.52
CA GLU B 30 0.29 -3.90 -13.20
C GLU B 30 0.81 -5.07 -12.34
N PHE B 31 2.00 -4.94 -11.80
CA PHE B 31 2.50 -6.02 -10.91
C PHE B 31 2.19 -5.73 -9.44
N ARG B 32 2.00 -6.79 -8.64
CA ARG B 32 1.83 -6.64 -7.20
C ARG B 32 2.42 -7.89 -6.59
N ARG B 33 2.53 -7.92 -5.25
CA ARG B 33 2.96 -9.14 -4.61
C ARG B 33 1.81 -10.16 -4.62
N ARG B 34 1.97 -11.26 -3.88
CA ARG B 34 0.83 -12.21 -3.72
C ARG B 34 -0.23 -11.69 -2.75
N ILE B 35 -1.21 -10.98 -3.31
CA ILE B 35 -2.24 -10.25 -2.58
C ILE B 35 -3.61 -10.91 -2.74
N PRO B 36 -4.61 -10.53 -1.91
CA PRO B 36 -5.93 -11.12 -2.22
C PRO B 36 -6.41 -10.72 -3.62
N LEU B 37 -7.02 -11.66 -4.36
CA LEU B 37 -7.28 -11.40 -5.80
C LEU B 37 -8.72 -10.97 -6.09
N PRO B 38 -8.90 -10.13 -7.10
CA PRO B 38 -10.22 -9.81 -7.65
C PRO B 38 -10.74 -10.96 -8.50
N ALA B 39 -12.03 -10.93 -8.83
CA ALA B 39 -12.59 -11.84 -9.82
C ALA B 39 -11.92 -11.62 -11.15
N LEU B 40 -11.82 -12.69 -11.94
CA LEU B 40 -11.20 -12.58 -13.26
C LEU B 40 -11.93 -11.60 -14.19
N SER B 41 -13.22 -11.39 -14.05
CA SER B 41 -13.93 -10.45 -14.91
CA SER B 41 -13.77 -10.40 -14.98
C SER B 41 -13.92 -9.00 -14.41
N ALA B 42 -13.19 -8.71 -13.35
CA ALA B 42 -13.38 -7.47 -12.62
C ALA B 42 -13.07 -6.23 -13.45
N ARG B 43 -13.85 -5.20 -13.17
CA ARG B 43 -13.46 -3.85 -13.53
C ARG B 43 -12.58 -3.29 -12.39
N ILE B 44 -11.41 -2.77 -12.73
CA ILE B 44 -10.55 -2.17 -11.75
C ILE B 44 -10.57 -0.65 -11.97
N TRP B 45 -11.04 0.10 -10.96
CA TRP B 45 -11.06 1.57 -11.00
C TRP B 45 -9.69 2.08 -10.49
N ILE B 46 -9.14 3.09 -11.17
CA ILE B 46 -7.75 3.44 -10.95
C ILE B 46 -7.74 4.74 -10.13
N TYR B 47 -7.34 4.65 -8.86
CA TYR B 47 -7.19 5.80 -7.98
C TYR B 47 -5.74 6.28 -8.05
N ALA B 48 -5.58 7.51 -8.54
CA ALA B 48 -4.29 8.18 -8.55
C ALA B 48 -4.05 8.86 -7.19
N THR B 49 -2.88 8.64 -6.62
CA THR B 49 -2.59 9.18 -5.31
C THR B 49 -2.15 10.67 -5.43
N ARG B 50 -1.51 11.23 -4.39
CA ARG B 50 -1.23 12.66 -4.42
C ARG B 50 -0.29 13.03 -5.55
N PRO B 51 -0.43 14.23 -6.13
CA PRO B 51 -1.35 15.31 -5.75
C PRO B 51 -2.73 15.19 -6.41
N VAL B 52 -2.93 14.16 -7.25
CA VAL B 52 -4.18 14.03 -7.98
C VAL B 52 -5.34 13.58 -7.06
N LYS B 53 -5.12 12.52 -6.26
CA LYS B 53 -6.09 12.10 -5.25
C LYS B 53 -7.50 11.90 -5.83
N SER B 54 -7.61 11.20 -6.96
CA SER B 54 -8.91 11.00 -7.63
C SER B 54 -8.93 9.67 -8.36
N VAL B 55 -10.13 9.10 -8.55
CA VAL B 55 -10.25 8.01 -9.52
C VAL B 55 -10.28 8.65 -10.91
N ILE B 56 -9.39 8.21 -11.79
CA ILE B 56 -9.22 8.85 -13.13
C ILE B 56 -9.58 7.95 -14.32
N GLY B 57 -10.12 6.78 -14.01
CA GLY B 57 -10.60 5.90 -15.08
C GLY B 57 -10.69 4.46 -14.54
N PHE B 58 -10.86 3.52 -15.46
CA PHE B 58 -10.93 2.12 -15.10
C PHE B 58 -10.41 1.25 -16.23
N ALA B 59 -10.15 -0.02 -15.96
CA ALA B 59 -9.84 -1.00 -17.03
C ALA B 59 -10.36 -2.38 -16.60
N TYR B 60 -10.36 -3.37 -17.49
CA TYR B 60 -10.85 -4.69 -17.09
C TYR B 60 -9.67 -5.64 -17.12
N LEU B 61 -9.73 -6.72 -16.36
CA LEU B 61 -8.69 -7.74 -16.44
C LEU B 61 -8.94 -8.71 -17.57
N GLU B 62 -7.95 -8.94 -18.39
CA GLU B 62 -8.04 -10.05 -19.29
C GLU B 62 -7.37 -11.34 -18.75
N ALA B 63 -6.43 -11.22 -17.80
CA ALA B 63 -5.81 -12.37 -17.13
C ALA B 63 -5.16 -11.97 -15.80
N ILE B 64 -5.07 -12.92 -14.89
CA ILE B 64 -4.22 -12.74 -13.71
C ILE B 64 -3.12 -13.82 -13.82
N VAL B 65 -1.86 -13.38 -13.75
CA VAL B 65 -0.71 -14.29 -13.78
C VAL B 65 -0.06 -14.33 -12.39
N GLN B 66 0.39 -15.48 -11.91
CA GLN B 66 1.25 -15.45 -10.73
C GLN B 66 2.40 -16.38 -11.01
N GLY B 67 3.60 -16.02 -10.59
CA GLY B 67 4.72 -16.89 -10.93
C GLY B 67 6.04 -16.28 -10.52
N ASP B 68 7.13 -16.85 -11.00
CA ASP B 68 8.48 -16.40 -10.60
C ASP B 68 8.76 -14.92 -11.00
N VAL B 69 9.40 -14.18 -10.11
CA VAL B 69 9.67 -12.75 -10.34
C VAL B 69 10.48 -12.47 -11.66
N ASN B 70 11.50 -13.29 -11.94
CA ASN B 70 12.33 -13.12 -13.14
C ASN B 70 11.56 -13.33 -14.43
N THR B 71 10.84 -14.41 -14.46
CA THR B 71 10.08 -14.67 -15.67
C THR B 71 8.92 -13.70 -15.88
N LEU B 72 8.33 -13.22 -14.81
CA LEU B 72 7.30 -12.19 -15.02
C LEU B 72 7.87 -10.92 -15.57
N TRP B 73 9.08 -10.53 -15.11
CA TRP B 73 9.68 -9.34 -15.70
C TRP B 73 9.97 -9.57 -17.19
N SER B 74 10.50 -10.74 -17.50
CA SER B 74 10.85 -11.02 -18.87
C SER B 74 9.63 -11.07 -19.82
N ARG B 75 8.50 -11.56 -19.34
CA ARG B 75 7.33 -11.61 -20.21
C ARG B 75 6.54 -10.29 -20.30
N TYR B 76 6.34 -9.62 -19.16
CA TYR B 76 5.38 -8.51 -19.05
C TYR B 76 5.97 -7.16 -18.69
N GLY B 77 7.28 -7.11 -18.52
CA GLY B 77 7.88 -5.89 -18.01
C GLY B 77 7.72 -4.69 -18.96
N ARG B 78 7.79 -4.91 -20.27
CA ARG B 78 7.66 -3.78 -21.19
C ARG B 78 6.27 -3.18 -21.09
N GLU B 79 5.30 -4.06 -20.99
CA GLU B 79 3.88 -3.66 -20.85
C GLU B 79 3.54 -3.00 -19.51
N ALA B 80 4.36 -3.26 -18.51
CA ALA B 80 4.17 -2.71 -17.17
C ALA B 80 4.67 -1.24 -17.00
N PHE B 81 5.43 -0.74 -17.96
CA PHE B 81 5.79 0.69 -18.06
C PHE B 81 6.89 1.15 -17.07
N LEU B 82 6.94 0.54 -15.89
CA LEU B 82 8.00 0.84 -14.92
C LEU B 82 9.42 0.33 -15.32
N SER B 83 10.46 0.95 -14.75
CA SER B 83 11.83 0.54 -15.05
C SER B 83 12.19 -0.79 -14.40
N GLU B 84 13.17 -1.49 -14.95
CA GLU B 84 13.59 -2.73 -14.31
C GLU B 84 14.12 -2.53 -12.89
N GLN B 85 14.78 -1.41 -12.62
CA GLN B 85 15.16 -1.17 -11.24
C GLN B 85 13.99 -0.95 -10.28
N GLN B 86 12.93 -0.25 -10.71
CA GLN B 86 11.78 -0.10 -9.84
C GLN B 86 11.15 -1.50 -9.57
N TYR B 87 11.12 -2.35 -10.57
CA TYR B 87 10.54 -3.69 -10.39
C TYR B 87 11.38 -4.54 -9.42
N ARG B 88 12.70 -4.58 -9.63
CA ARG B 88 13.52 -5.38 -8.75
C ARG B 88 13.48 -4.86 -7.32
N ASP B 89 13.44 -3.54 -7.18
CA ASP B 89 13.37 -2.96 -5.84
C ASP B 89 12.03 -3.27 -5.13
N TYR B 90 10.94 -3.23 -5.87
CA TYR B 90 9.65 -3.55 -5.27
C TYR B 90 9.58 -5.03 -4.85
N PHE B 91 10.14 -5.93 -5.67
CA PHE B 91 10.04 -7.37 -5.37
C PHE B 91 11.17 -7.96 -4.55
N GLU B 92 12.08 -7.13 -4.08
CA GLU B 92 13.14 -7.64 -3.24
C GLU B 92 12.46 -8.29 -2.05
N GLY B 93 12.98 -9.43 -1.61
CA GLY B 93 12.39 -10.09 -0.46
C GLY B 93 11.24 -11.06 -0.75
N THR B 94 10.94 -11.29 -2.02
CA THR B 94 9.95 -12.32 -2.38
C THR B 94 10.32 -13.02 -3.67
N GLU B 95 9.85 -14.27 -3.87
CA GLU B 95 10.23 -15.01 -5.07
C GLU B 95 9.09 -15.09 -6.11
N LYS B 96 7.91 -14.59 -5.73
CA LYS B 96 6.70 -14.78 -6.51
C LYS B 96 6.00 -13.43 -6.69
N ALA B 97 5.39 -13.22 -7.85
CA ALA B 97 4.72 -11.95 -8.10
C ALA B 97 3.40 -12.23 -8.80
N THR B 98 2.55 -11.21 -8.85
CA THR B 98 1.28 -11.21 -9.57
C THR B 98 1.38 -10.20 -10.69
N ALA B 99 0.92 -10.55 -11.90
CA ALA B 99 0.76 -9.57 -12.96
C ALA B 99 -0.71 -9.51 -13.31
N PHE B 100 -1.32 -8.34 -13.25
CA PHE B 100 -2.64 -8.11 -13.77
C PHE B 100 -2.55 -7.62 -15.20
N LEU B 101 -3.12 -8.39 -16.14
CA LEU B 101 -3.03 -8.02 -17.54
C LEU B 101 -4.34 -7.33 -17.87
N LEU B 102 -4.29 -6.06 -18.26
CA LEU B 102 -5.51 -5.22 -18.41
C LEU B 102 -5.91 -5.03 -19.88
N ARG B 103 -7.19 -4.72 -20.14
CA ARG B 103 -7.64 -4.41 -21.50
C ARG B 103 -8.77 -3.37 -21.32
N ASP B 104 -9.17 -2.69 -22.43
CA ASP B 104 -10.38 -1.85 -22.48
C ASP B 104 -10.35 -0.74 -21.42
N HIS B 105 -9.20 -0.09 -21.35
CA HIS B 105 -9.01 1.02 -20.44
C HIS B 105 -9.94 2.17 -20.85
N GLN B 106 -10.35 2.94 -19.87
CA GLN B 106 -11.26 4.06 -20.18
C GLN B 106 -10.98 5.26 -19.27
N PRO B 107 -10.42 6.35 -19.80
CA PRO B 107 -10.34 7.56 -18.94
C PRO B 107 -11.72 8.17 -18.59
N ILE B 108 -11.86 8.77 -17.41
CA ILE B 108 -13.10 9.47 -17.06
C ILE B 108 -12.68 10.82 -16.46
N ARG B 109 -13.62 11.76 -16.37
CA ARG B 109 -13.28 12.97 -15.59
C ARG B 109 -13.01 12.59 -14.12
N PRO B 110 -12.02 13.21 -13.51
CA PRO B 110 -11.57 12.73 -12.20
C PRO B 110 -12.72 12.74 -11.16
N ILE B 111 -12.78 11.71 -10.31
CA ILE B 111 -13.81 11.67 -9.25
C ILE B 111 -12.97 11.82 -8.00
N ASN B 112 -13.07 12.98 -7.32
CA ASN B 112 -12.07 13.33 -6.32
C ASN B 112 -12.32 12.60 -5.02
N LEU B 113 -11.36 12.64 -4.12
CA LEU B 113 -11.47 11.88 -2.88
C LEU B 113 -12.65 12.33 -2.01
N ASP B 114 -13.02 13.63 -2.01
CA ASP B 114 -14.23 14.01 -1.27
C ASP B 114 -15.51 13.33 -1.83
N GLN B 115 -15.58 13.19 -3.16
CA GLN B 115 -16.75 12.50 -3.73
C GLN B 115 -16.72 11.02 -3.34
N LEU B 116 -15.50 10.46 -3.33
CA LEU B 116 -15.40 9.04 -3.03
C LEU B 116 -15.88 8.84 -1.56
N LYS B 117 -15.53 9.78 -0.69
CA LYS B 117 -15.94 9.68 0.73
C LYS B 117 -17.45 9.84 0.90
N GLU B 118 -18.09 10.54 -0.02
CA GLU B 118 -19.54 10.54 -0.02
C GLU B 118 -20.10 9.18 -0.39
N ILE B 119 -19.38 8.44 -1.23
CA ILE B 119 -19.80 7.05 -1.50
C ILE B 119 -19.51 5.97 -0.38
N ARG B 120 -18.32 5.97 0.19
CA ARG B 120 -18.04 5.14 1.35
C ARG B 120 -17.43 6.09 2.37
N ALA B 121 -18.06 6.21 3.52
CA ALA B 121 -17.58 7.21 4.47
C ALA B 121 -16.15 7.01 4.95
N ASN B 122 -15.69 5.81 5.15
CA ASN B 122 -14.32 5.86 5.62
C ASN B 122 -13.28 5.65 4.51
N PHE B 123 -13.58 6.09 3.27
CA PHE B 123 -12.76 5.54 2.17
C PHE B 123 -11.29 5.87 2.41
N GLN B 124 -10.41 4.86 2.30
CA GLN B 124 -8.97 5.06 2.35
C GLN B 124 -8.45 4.52 1.00
N PRO B 125 -7.56 5.28 0.35
CA PRO B 125 -6.92 4.73 -0.87
C PRO B 125 -6.31 3.39 -0.49
N PRO B 126 -6.68 2.34 -1.25
CA PRO B 126 -6.26 0.98 -0.83
C PRO B 126 -4.80 0.72 -0.85
N GLN B 127 -4.33 -0.06 0.13
CA GLN B 127 -2.94 -0.53 0.06
C GLN B 127 -2.73 -1.61 -1.08
N SER B 128 -3.75 -2.44 -1.31
CA SER B 128 -3.74 -3.35 -2.47
CA SER B 128 -3.76 -3.38 -2.41
C SER B 128 -5.06 -3.13 -3.19
N LEU B 129 -6.01 -4.04 -3.09
CA LEU B 129 -7.29 -3.79 -3.75
C LEU B 129 -8.36 -3.59 -2.71
N THR B 130 -9.34 -2.75 -3.00
CA THR B 130 -10.56 -2.82 -2.18
C THR B 130 -11.79 -3.19 -3.04
N TRP B 131 -12.71 -4.03 -2.51
CA TRP B 131 -13.88 -4.46 -3.27
C TRP B 131 -15.01 -3.46 -3.09
N LEU B 132 -15.70 -3.11 -4.16
CA LEU B 132 -16.88 -2.25 -4.04
C LEU B 132 -18.13 -3.05 -3.88
N ARG B 133 -18.99 -2.61 -2.98
CA ARG B 133 -20.32 -3.16 -2.83
C ARG B 133 -21.21 -2.65 -3.94
N LYS B 134 -22.33 -3.33 -4.18
CA LYS B 134 -23.18 -2.97 -5.30
C LYS B 134 -23.64 -1.51 -5.24
N GLU B 135 -24.02 -1.04 -4.05
CA GLU B 135 -24.50 0.34 -3.94
C GLU B 135 -23.38 1.37 -4.17
N GLU B 136 -22.17 0.98 -3.78
CA GLU B 136 -21.00 1.85 -4.03
C GLU B 136 -20.70 1.95 -5.52
N THR B 137 -20.79 0.82 -6.22
CA THR B 137 -20.60 0.81 -7.65
C THR B 137 -21.64 1.61 -8.38
N GLN B 138 -22.87 1.47 -7.95
CA GLN B 138 -23.93 2.26 -8.58
C GLN B 138 -23.63 3.74 -8.44
N LYS B 139 -23.26 4.17 -7.22
CA LYS B 139 -22.93 5.61 -7.05
C LYS B 139 -21.71 6.04 -7.89
N LEU B 140 -20.69 5.19 -7.99
CA LEU B 140 -19.50 5.53 -8.79
C LEU B 140 -19.82 5.62 -10.26
N VAL B 141 -20.55 4.62 -10.80
CA VAL B 141 -20.95 4.71 -12.19
C VAL B 141 -21.79 5.93 -12.44
N SER B 142 -22.62 6.26 -11.45
CA SER B 142 -23.50 7.41 -11.68
C SER B 142 -22.67 8.73 -11.84
N LEU B 143 -21.50 8.79 -11.22
CA LEU B 143 -20.64 9.96 -11.37
C LEU B 143 -19.74 9.93 -12.61
N THR B 144 -19.67 8.84 -13.34
CA THR B 144 -18.68 8.78 -14.40
C THR B 144 -19.09 9.58 -15.62
N SER B 145 -18.15 10.37 -16.10
CA SER B 145 -18.27 10.88 -17.45
C SER B 145 -16.98 10.49 -18.17
N GLN B 146 -17.14 9.68 -19.22
CA GLN B 146 -16.03 9.24 -20.06
C GLN B 146 -15.36 10.46 -20.73
N VAL B 147 -14.04 10.39 -20.90
CA VAL B 147 -13.28 11.51 -21.47
C VAL B 147 -12.29 11.04 -22.54
O1 PE8 C . 4.19 -2.35 -9.13
C2 PE8 C . 5.11 -1.54 -8.41
C3 PE8 C . 5.17 -0.09 -8.82
O4 PE8 C . 5.99 0.86 -8.19
C5 PE8 C . 5.42 1.86 -7.40
C6 PE8 C . 4.13 1.56 -6.66
O7 PE8 C . 3.74 2.24 -5.49
C8 PE8 C . 2.60 1.83 -4.82
C9 PE8 C . 1.44 2.80 -4.72
O10 PE8 C . 0.39 2.54 -3.79
C11 PE8 C . 0.01 3.52 -2.85
C12 PE8 C . -0.92 3.06 -1.76
O13 PE8 C . -0.88 3.73 -0.51
C14 PE8 C . -0.58 2.96 0.62
C15 PE8 C . -1.48 2.99 1.83
O16 PE8 C . -0.93 2.31 2.94
C17 PE8 C . -1.81 1.96 3.97
C18 PE8 C . -1.30 0.93 4.95
O19 PE8 C . -2.26 0.29 5.74
C20 PE8 C . -3.29 -0.40 5.12
C21 PE8 C . -3.62 -1.77 5.62
O22 PE8 C . -4.19 -1.88 6.90
C23 PE8 C . -4.87 -3.06 7.18
C24 PE8 C . -5.55 -3.23 8.50
O25 PE8 C . -5.80 -4.55 8.86
CL CL D . -3.97 9.85 -1.81
CL CL E . 2.03 -6.07 -0.31
S SO4 F . 3.64 -17.60 -1.09
O1 SO4 F . 4.35 -17.36 0.16
O2 SO4 F . 3.06 -16.33 -1.55
O3 SO4 F . 4.52 -18.08 -2.17
O4 SO4 F . 2.56 -18.57 -0.86
S SO4 G . 7.89 -16.04 -1.11
O1 SO4 G . 7.12 -16.08 -2.37
O2 SO4 G . 7.46 -14.95 -0.22
O3 SO4 G . 9.29 -15.83 -1.43
O4 SO4 G . 7.74 -17.29 -0.33
CL CL H . -2.69 10.13 3.97
S SO4 I . -3.64 16.73 1.27
O1 SO4 I . -3.10 17.93 1.91
O2 SO4 I . -4.93 17.04 0.62
O3 SO4 I . -2.64 16.23 0.28
O4 SO4 I . -3.90 15.79 2.35
#